data_2X57
#
_entry.id   2X57
#
_cell.length_a   99.700
_cell.length_b   99.700
_cell.length_c   104.340
_cell.angle_alpha   90.00
_cell.angle_beta   90.00
_cell.angle_gamma   90.00
#
_symmetry.space_group_name_H-M   'P 41 21 2'
#
loop_
_entity.id
_entity.type
_entity.pdbx_description
1 polymer 'VASOACTIVE INTESTINAL POLYPEPTIDE RECEPTOR 2'
2 water water
#
_entity_poly.entity_id   1
_entity_poly.type   'polypeptide(L)'
_entity_poly.pdbx_seq_one_letter_code
;(MSE)HHHHHHSSGVDLGTENLYFQS(MSE)RFHLEIQEEETKCAELLRSQTEKHKACSGVWDNITCWRPANVGETVTVP
CPKVFSNFYSKAGNISKNCTSDGWSETFPDFVDACGYSDPEDES
;
_entity_poly.pdbx_strand_id   A,B,C
#
# COMPACT_ATOMS: atom_id res chain seq x y z
N GLY A 10 21.75 21.13 2.88
CA GLY A 10 21.26 21.06 1.46
C GLY A 10 20.30 19.91 1.18
N VAL A 11 20.83 18.68 1.26
CA VAL A 11 20.09 17.44 0.94
C VAL A 11 18.69 17.32 1.60
N ASP A 12 18.58 17.76 2.86
CA ASP A 12 17.28 17.91 3.50
C ASP A 12 16.37 18.89 2.73
N LEU A 13 16.94 20.02 2.33
CA LEU A 13 16.21 21.06 1.60
C LEU A 13 16.15 20.78 0.09
N GLY A 14 16.76 19.67 -0.38
CA GLY A 14 16.65 19.22 -1.78
C GLY A 14 15.19 18.97 -2.11
N THR A 15 14.74 19.27 -3.35
CA THR A 15 13.30 19.30 -3.62
C THR A 15 12.66 17.92 -3.66
N GLU A 16 13.44 16.88 -3.98
CA GLU A 16 12.92 15.53 -3.97
C GLU A 16 12.56 15.10 -2.56
N ASN A 17 13.43 15.42 -1.61
CA ASN A 17 13.13 15.18 -0.21
C ASN A 17 12.06 16.06 0.29
N LEU A 18 12.04 17.29 -0.15
CA LEU A 18 10.91 18.16 0.28
C LEU A 18 9.58 17.58 -0.19
N TYR A 19 9.52 17.09 -1.43
CA TYR A 19 8.30 16.44 -1.93
C TYR A 19 7.87 15.27 -1.01
N PHE A 20 8.81 14.36 -0.75
CA PHE A 20 8.54 13.18 0.12
C PHE A 20 8.09 13.55 1.53
N GLN A 21 8.77 14.51 2.15
CA GLN A 21 8.50 14.83 3.56
C GLN A 21 7.08 15.36 3.69
N SER A 22 6.68 16.15 2.70
CA SER A 22 5.33 16.73 2.65
C SER A 22 4.29 15.65 2.39
N ARG A 24 4.51 12.41 3.74
CA ARG A 24 4.64 11.36 4.70
C ARG A 24 3.32 11.09 5.43
N PHE A 25 2.63 12.12 5.92
CA PHE A 25 1.36 11.86 6.63
C PHE A 25 0.37 11.15 5.72
N HIS A 26 0.25 11.63 4.50
CA HIS A 26 -0.63 11.04 3.53
C HIS A 26 -0.29 9.57 3.20
N LEU A 27 0.98 9.26 3.05
CA LEU A 27 1.34 7.91 2.77
C LEU A 27 0.99 7.02 3.98
N GLU A 28 1.23 7.52 5.19
CA GLU A 28 1.02 6.74 6.39
C GLU A 28 -0.48 6.49 6.62
N ILE A 29 -1.28 7.52 6.43
CA ILE A 29 -2.73 7.38 6.60
C ILE A 29 -3.31 6.45 5.54
N GLN A 30 -2.87 6.57 4.31
CA GLN A 30 -3.36 5.72 3.27
C GLN A 30 -3.06 4.27 3.56
N GLU A 31 -1.87 3.96 4.06
CA GLU A 31 -1.55 2.56 4.41
C GLU A 31 -2.42 2.09 5.55
N GLU A 32 -2.72 2.97 6.50
CA GLU A 32 -3.59 2.57 7.64
C GLU A 32 -5.06 2.33 7.19
N GLU A 33 -5.53 3.15 6.29
CA GLU A 33 -6.84 2.96 5.67
C GLU A 33 -6.88 1.69 4.85
N THR A 34 -5.79 1.40 4.14
CA THR A 34 -5.72 0.21 3.34
C THR A 34 -5.76 -1.00 4.22
N LYS A 35 -5.04 -0.97 5.31
CA LYS A 35 -5.10 -2.10 6.23
C LYS A 35 -6.50 -2.28 6.84
N CYS A 36 -7.16 -1.15 7.14
CA CYS A 36 -8.52 -1.19 7.65
C CYS A 36 -9.44 -1.79 6.63
N ALA A 37 -9.37 -1.34 5.38
CA ALA A 37 -10.23 -1.92 4.35
C ALA A 37 -9.99 -3.44 4.25
N GLU A 38 -8.73 -3.87 4.31
CA GLU A 38 -8.43 -5.31 4.18
C GLU A 38 -8.97 -6.06 5.39
N LEU A 39 -8.87 -5.47 6.58
CA LEU A 39 -9.40 -6.12 7.79
C LEU A 39 -10.91 -6.30 7.68
N LEU A 40 -11.62 -5.24 7.30
CA LEU A 40 -13.06 -5.32 7.22
C LEU A 40 -13.49 -6.34 6.20
N ARG A 41 -12.77 -6.37 5.08
CA ARG A 41 -13.10 -7.30 4.02
C ARG A 41 -12.95 -8.78 4.43
N SER A 42 -11.89 -9.09 5.19
CA SER A 42 -11.59 -10.46 5.58
C SER A 42 -12.59 -10.98 6.60
N GLN A 43 -13.41 -10.07 7.10
CA GLN A 43 -14.31 -10.35 8.21
C GLN A 43 -15.79 -10.26 7.81
N THR A 44 -16.08 -9.99 6.52
CA THR A 44 -17.47 -9.62 6.09
C THR A 44 -18.51 -10.73 6.18
N GLU A 45 -18.08 -11.97 6.44
CA GLU A 45 -19.01 -13.10 6.56
C GLU A 45 -19.39 -13.43 8.01
N LYS A 46 -19.23 -12.46 8.92
CA LYS A 46 -19.59 -12.63 10.35
C LYS A 46 -20.88 -11.89 10.78
N HIS A 47 -21.13 -10.72 10.18
CA HIS A 47 -22.38 -9.91 10.41
C HIS A 47 -22.58 -9.42 11.85
N LYS A 48 -21.54 -8.80 12.43
CA LYS A 48 -21.58 -8.38 13.84
C LYS A 48 -22.46 -7.13 14.11
N ALA A 49 -22.83 -6.93 15.37
CA ALA A 49 -23.73 -5.82 15.76
C ALA A 49 -23.25 -4.49 15.23
N CYS A 50 -21.97 -4.20 15.52
CA CYS A 50 -21.31 -2.99 15.09
C CYS A 50 -20.28 -3.35 14.04
N SER A 51 -20.56 -3.03 12.78
CA SER A 51 -19.60 -3.33 11.72
C SER A 51 -18.43 -2.34 11.74
N GLY A 52 -17.38 -2.69 11.03
CA GLY A 52 -16.15 -1.94 11.09
C GLY A 52 -16.36 -0.52 10.62
N VAL A 53 -15.71 0.42 11.29
CA VAL A 53 -15.75 1.82 10.88
C VAL A 53 -14.39 2.43 11.00
N TRP A 54 -14.21 3.52 10.28
CA TRP A 54 -13.00 4.34 10.34
C TRP A 54 -13.43 5.71 10.93
N ASP A 55 -12.84 6.09 12.06
CA ASP A 55 -13.20 7.31 12.76
C ASP A 55 -11.98 7.78 13.54
N ASN A 56 -11.78 9.09 13.65
CA ASN A 56 -10.63 9.65 14.34
C ASN A 56 -9.35 9.02 13.80
N ILE A 57 -9.26 8.93 12.47
CA ILE A 57 -8.10 8.38 11.79
C ILE A 57 -7.66 7.03 12.32
N THR A 58 -8.63 6.19 12.62
CA THR A 58 -8.40 4.97 13.32
C THR A 58 -9.38 3.92 12.81
N CYS A 59 -8.91 2.68 12.70
CA CYS A 59 -9.77 1.57 12.32
C CYS A 59 -10.38 0.94 13.55
N TRP A 60 -11.69 0.68 13.53
CA TRP A 60 -12.39 0.13 14.64
C TRP A 60 -12.93 -1.20 14.14
N ARG A 61 -12.32 -2.29 14.58
CA ARG A 61 -12.73 -3.62 14.14
C ARG A 61 -14.19 -3.89 14.45
N PRO A 62 -14.85 -4.77 13.67
CA PRO A 62 -16.23 -5.14 13.96
C PRO A 62 -16.36 -5.76 15.35
N ALA A 63 -17.53 -5.62 15.95
CA ALA A 63 -17.68 -5.92 17.36
C ALA A 63 -19.13 -6.23 17.71
N ASN A 64 -19.31 -6.88 18.85
CA ASN A 64 -20.63 -7.25 19.35
C ASN A 64 -20.97 -6.43 20.58
N VAL A 65 -22.26 -6.34 20.86
CA VAL A 65 -22.75 -5.56 22.00
C VAL A 65 -21.98 -5.92 23.27
N GLY A 66 -21.63 -4.90 24.07
CA GLY A 66 -20.90 -5.09 25.32
C GLY A 66 -19.38 -5.04 25.16
N GLU A 67 -18.88 -5.07 23.92
CA GLU A 67 -17.46 -5.00 23.71
C GLU A 67 -16.98 -3.57 23.78
N THR A 68 -15.75 -3.40 24.23
CA THR A 68 -15.05 -2.13 24.16
C THR A 68 -13.79 -2.38 23.37
N VAL A 69 -13.59 -1.62 22.30
CA VAL A 69 -12.41 -1.72 21.48
C VAL A 69 -11.51 -0.56 21.87
N THR A 70 -10.26 -0.87 22.19
CA THR A 70 -9.29 0.13 22.62
C THR A 70 -8.04 -0.02 21.79
N VAL A 71 -7.57 1.07 21.20
CA VAL A 71 -6.36 1.04 20.38
C VAL A 71 -5.47 2.22 20.71
N PRO A 72 -4.18 2.10 20.36
CA PRO A 72 -3.29 3.22 20.64
C PRO A 72 -3.66 4.40 19.77
N CYS A 73 -3.29 5.59 20.20
CA CYS A 73 -3.51 6.76 19.41
C CYS A 73 -2.78 6.63 18.07
N PRO A 74 -3.29 7.29 17.03
CA PRO A 74 -2.69 7.04 15.71
C PRO A 74 -1.22 7.43 15.67
N LYS A 75 -0.35 6.54 15.25
CA LYS A 75 1.09 6.81 15.36
C LYS A 75 1.56 7.92 14.41
N VAL A 76 0.81 8.18 13.35
CA VAL A 76 1.19 9.18 12.38
C VAL A 76 1.44 10.54 13.01
N PHE A 77 0.75 10.88 14.09
CA PHE A 77 0.96 12.17 14.76
C PHE A 77 1.85 12.08 16.05
N SER A 78 2.68 11.05 16.12
CA SER A 78 3.57 10.82 17.26
C SER A 78 4.38 12.02 17.71
N ASN A 79 4.80 12.87 16.77
CA ASN A 79 5.63 14.05 17.13
C ASN A 79 4.87 15.19 17.81
N PHE A 80 3.54 15.11 17.80
CA PHE A 80 2.69 16.14 18.37
C PHE A 80 2.00 15.67 19.64
N TYR A 81 2.29 14.44 20.09
CA TYR A 81 1.73 13.94 21.36
C TYR A 81 2.64 14.24 22.54
N SER A 82 2.07 14.52 23.71
CA SER A 82 2.87 14.67 24.92
C SER A 82 2.88 13.39 25.80
N LYS A 83 2.34 12.29 25.28
CA LYS A 83 2.23 11.02 26.02
C LYS A 83 1.74 9.89 25.13
N ALA A 84 2.02 8.66 25.51
CA ALA A 84 1.49 7.50 24.80
C ALA A 84 0.09 7.34 25.30
N GLY A 85 -0.90 7.42 24.40
CA GLY A 85 -2.29 7.37 24.80
C GLY A 85 -3.02 6.31 24.03
N ASN A 86 -4.21 5.97 24.52
CA ASN A 86 -5.13 5.06 23.83
C ASN A 86 -6.52 5.69 23.72
N ILE A 87 -7.28 5.26 22.72
CA ILE A 87 -8.65 5.67 22.48
C ILE A 87 -9.53 4.45 22.34
N SER A 88 -10.80 4.61 22.72
CA SER A 88 -11.74 3.53 22.82
C SER A 88 -13.10 3.88 22.22
N LYS A 89 -13.85 2.86 21.88
CA LYS A 89 -15.27 2.92 21.59
C LYS A 89 -15.95 1.71 22.20
N ASN A 90 -17.18 1.90 22.64
CA ASN A 90 -18.01 0.81 23.07
C ASN A 90 -19.04 0.50 22.00
N CYS A 91 -19.28 -0.79 21.78
CA CYS A 91 -20.37 -1.25 20.91
C CYS A 91 -21.55 -1.52 21.79
N THR A 92 -22.66 -0.84 21.47
CA THR A 92 -23.94 -1.00 22.15
C THR A 92 -25.00 -1.46 21.13
N SER A 93 -26.18 -1.84 21.62
CA SER A 93 -27.27 -2.23 20.72
C SER A 93 -27.82 -1.06 19.88
N ASP A 94 -27.31 0.16 20.08
CA ASP A 94 -27.61 1.33 19.23
C ASP A 94 -26.51 1.62 18.24
N GLY A 95 -25.40 0.88 18.35
CA GLY A 95 -24.24 1.13 17.49
C GLY A 95 -23.05 1.55 18.31
N TRP A 96 -22.06 2.10 17.59
CA TRP A 96 -20.78 2.55 18.16
C TRP A 96 -20.98 3.81 18.96
N SER A 97 -20.26 3.91 20.07
CA SER A 97 -20.20 5.12 20.88
C SER A 97 -19.24 6.09 20.21
N GLU A 98 -19.26 7.32 20.67
CA GLU A 98 -18.25 8.30 20.37
C GLU A 98 -16.92 7.79 20.94
N THR A 99 -15.81 8.24 20.37
CA THR A 99 -14.51 7.84 20.85
C THR A 99 -14.29 8.46 22.22
N PHE A 100 -13.72 7.70 23.16
CA PHE A 100 -13.37 8.25 24.47
C PHE A 100 -11.97 7.82 24.93
N PRO A 101 -11.25 8.72 25.62
CA PRO A 101 -11.57 10.13 25.70
C PRO A 101 -11.43 10.69 24.31
N ASP A 102 -11.82 11.94 24.11
CA ASP A 102 -11.73 12.54 22.79
C ASP A 102 -10.30 12.53 22.36
N PHE A 103 -10.09 12.47 21.06
CA PHE A 103 -8.77 12.35 20.45
C PHE A 103 -7.74 13.33 21.05
N VAL A 104 -8.11 14.59 21.16
CA VAL A 104 -7.18 15.62 21.59
C VAL A 104 -6.72 15.39 23.03
N ASP A 105 -7.65 15.00 23.88
CA ASP A 105 -7.35 14.71 25.28
C ASP A 105 -6.67 13.35 25.47
N ALA A 106 -7.14 12.32 24.76
CA ALA A 106 -6.67 10.95 24.94
C ALA A 106 -5.22 10.87 24.54
N CYS A 107 -4.90 11.62 23.50
CA CYS A 107 -3.61 11.50 22.84
C CYS A 107 -2.61 12.59 23.28
N GLY A 108 -3.08 13.60 24.00
CA GLY A 108 -2.23 14.74 24.38
C GLY A 108 -1.72 15.50 23.17
N TYR A 109 -2.60 15.70 22.19
CA TYR A 109 -2.24 16.35 20.92
C TYR A 109 -2.20 17.87 21.02
N SER A 110 -1.14 18.49 20.48
CA SER A 110 -1.10 19.94 20.24
C SER A 110 -0.12 20.36 19.13
N ASP A 111 -0.37 21.51 18.51
CA ASP A 111 0.52 22.05 17.48
C ASP A 111 0.98 23.46 17.80
N PRO A 112 2.29 23.73 17.69
CA PRO A 112 2.79 25.09 18.00
C PRO A 112 2.41 26.12 16.93
N SER B 8 1.57 -13.69 -26.84
CA SER B 8 0.79 -12.45 -26.63
C SER B 8 -0.64 -12.63 -27.18
N SER B 9 -1.63 -12.19 -26.41
CA SER B 9 -3.00 -12.49 -26.78
C SER B 9 -3.86 -11.27 -26.68
N GLY B 10 -5.15 -11.44 -26.94
CA GLY B 10 -6.08 -10.36 -26.74
C GLY B 10 -6.13 -9.87 -25.33
N VAL B 11 -5.81 -10.74 -24.38
CA VAL B 11 -5.77 -10.37 -23.00
C VAL B 11 -4.72 -9.28 -22.75
N ASP B 12 -3.53 -9.43 -23.34
CA ASP B 12 -2.40 -8.52 -23.10
C ASP B 12 -2.66 -7.16 -23.71
N LEU B 13 -3.40 -7.13 -24.81
CA LEU B 13 -3.72 -5.88 -25.52
C LEU B 13 -5.00 -5.23 -25.02
N GLY B 14 -5.70 -5.86 -24.07
CA GLY B 14 -6.96 -5.28 -23.56
C GLY B 14 -6.63 -3.99 -22.82
N THR B 15 -7.55 -3.02 -22.84
CA THR B 15 -7.29 -1.72 -22.20
C THR B 15 -7.19 -1.77 -20.70
N GLU B 16 -7.77 -2.80 -20.10
CA GLU B 16 -7.62 -3.00 -18.67
C GLU B 16 -6.17 -3.34 -18.34
N ASN B 17 -5.57 -4.25 -19.11
CA ASN B 17 -4.16 -4.54 -18.88
C ASN B 17 -3.27 -3.36 -19.27
N LEU B 18 -3.57 -2.66 -20.35
CA LEU B 18 -2.73 -1.50 -20.76
C LEU B 18 -2.69 -0.41 -19.67
N TYR B 19 -3.82 -0.18 -19.04
CA TYR B 19 -3.92 0.79 -17.94
C TYR B 19 -3.02 0.38 -16.78
N PHE B 20 -3.17 -0.86 -16.31
CA PHE B 20 -2.28 -1.36 -15.32
C PHE B 20 -0.82 -1.29 -15.72
N GLN B 21 -0.45 -1.81 -16.89
CA GLN B 21 0.98 -1.88 -17.28
C GLN B 21 1.60 -0.48 -17.27
N SER B 22 0.85 0.52 -17.74
CA SER B 22 1.35 1.89 -17.75
C SER B 22 1.60 2.46 -16.35
N ARG B 24 2.84 0.69 -13.66
CA ARG B 24 3.61 -0.22 -12.85
C ARG B 24 4.76 0.49 -12.19
N PHE B 25 5.46 1.35 -12.91
CA PHE B 25 6.61 2.06 -12.32
C PHE B 25 6.15 2.94 -11.19
N HIS B 26 5.03 3.61 -11.39
CA HIS B 26 4.43 4.47 -10.41
C HIS B 26 4.09 3.69 -9.16
N LEU B 27 3.43 2.56 -9.32
CA LEU B 27 3.00 1.82 -8.17
C LEU B 27 4.18 1.33 -7.37
N GLU B 28 5.21 0.87 -8.06
CA GLU B 28 6.44 0.45 -7.44
C GLU B 28 7.12 1.55 -6.66
N ILE B 29 7.20 2.76 -7.20
CA ILE B 29 7.84 3.85 -6.50
C ILE B 29 7.01 4.28 -5.31
N GLN B 30 5.70 4.30 -5.44
CA GLN B 30 4.87 4.73 -4.34
C GLN B 30 4.94 3.75 -3.25
N GLU B 31 5.03 2.48 -3.59
CA GLU B 31 5.17 1.46 -2.58
C GLU B 31 6.48 1.67 -1.77
N GLU B 32 7.54 2.03 -2.47
CA GLU B 32 8.84 2.28 -1.83
C GLU B 32 8.76 3.54 -0.95
N GLU B 33 7.99 4.52 -1.38
CA GLU B 33 7.80 5.74 -0.60
C GLU B 33 7.01 5.45 0.66
N THR B 34 5.95 4.67 0.54
CA THR B 34 5.22 4.22 1.71
C THR B 34 6.07 3.45 2.73
N LYS B 35 6.85 2.49 2.27
CA LYS B 35 7.71 1.79 3.17
C LYS B 35 8.69 2.76 3.84
N CYS B 36 9.18 3.74 3.09
CA CYS B 36 10.11 4.71 3.66
C CYS B 36 9.42 5.47 4.79
N ALA B 37 8.21 5.95 4.53
CA ALA B 37 7.40 6.65 5.56
C ALA B 37 7.17 5.82 6.83
N GLU B 38 6.80 4.57 6.66
CA GLU B 38 6.58 3.68 7.78
C GLU B 38 7.87 3.46 8.54
N LEU B 39 8.97 3.25 7.82
CA LEU B 39 10.29 3.07 8.46
C LEU B 39 10.68 4.26 9.32
N LEU B 40 10.50 5.44 8.77
CA LEU B 40 10.92 6.65 9.47
C LEU B 40 10.04 6.81 10.64
N ARG B 41 8.78 6.43 10.50
CA ARG B 41 7.87 6.58 11.64
C ARG B 41 8.24 5.66 12.82
N SER B 42 8.62 4.42 12.50
CA SER B 42 8.99 3.38 13.48
C SER B 42 10.28 3.72 14.23
N GLN B 43 11.04 4.67 13.70
CA GLN B 43 12.30 5.12 14.29
C GLN B 43 12.22 6.50 14.97
N THR B 44 11.03 7.11 15.09
CA THR B 44 10.94 8.52 15.55
C THR B 44 11.45 8.78 16.97
N GLU B 45 11.32 7.80 17.86
CA GLU B 45 11.81 7.93 19.25
C GLU B 45 13.35 7.94 19.35
N LYS B 46 14.06 7.52 18.31
CA LYS B 46 15.51 7.35 18.41
C LYS B 46 16.39 8.61 18.22
N HIS B 47 15.92 9.62 17.50
CA HIS B 47 16.71 10.86 17.29
C HIS B 47 18.18 10.61 16.88
N LYS B 48 18.40 10.31 15.61
CA LYS B 48 19.73 10.08 15.09
C LYS B 48 20.28 11.34 14.49
N ALA B 49 21.60 11.37 14.27
CA ALA B 49 22.29 12.55 13.76
C ALA B 49 21.78 13.00 12.38
N CYS B 50 21.48 12.04 11.51
CA CYS B 50 20.91 12.36 10.20
C CYS B 50 19.53 11.70 10.08
N SER B 51 18.49 12.52 10.10
CA SER B 51 17.13 12.01 10.03
C SER B 51 16.87 11.47 8.65
N GLY B 52 15.84 10.64 8.53
CA GLY B 52 15.57 9.92 7.30
C GLY B 52 15.19 10.84 6.18
N VAL B 53 15.71 10.56 4.98
CA VAL B 53 15.45 11.37 3.79
C VAL B 53 15.19 10.50 2.59
N TRP B 54 14.61 11.12 1.56
CA TRP B 54 14.30 10.44 0.28
C TRP B 54 14.89 11.25 -0.85
N ASP B 55 15.82 10.65 -1.59
CA ASP B 55 16.25 11.20 -2.87
C ASP B 55 16.76 10.13 -3.79
N ASN B 56 16.92 10.45 -5.05
CA ASN B 56 17.32 9.45 -5.99
C ASN B 56 16.39 8.25 -5.91
N ILE B 57 15.13 8.57 -5.67
CA ILE B 57 14.04 7.59 -5.50
C ILE B 57 14.41 6.45 -4.61
N THR B 58 15.04 6.81 -3.49
CA THR B 58 15.60 5.87 -2.55
C THR B 58 15.35 6.39 -1.15
N CYS B 59 14.97 5.50 -0.25
CA CYS B 59 14.89 5.78 1.15
C CYS B 59 16.26 5.67 1.79
N TRP B 60 16.66 6.72 2.47
CA TRP B 60 17.90 6.77 3.21
C TRP B 60 17.54 6.81 4.70
N ARG B 61 17.63 5.66 5.33
CA ARG B 61 17.25 5.50 6.69
C ARG B 61 18.03 6.38 7.69
N PRO B 62 17.44 6.63 8.85
CA PRO B 62 18.14 7.49 9.79
C PRO B 62 19.46 6.90 10.15
N ALA B 63 20.44 7.74 10.43
CA ALA B 63 21.81 7.26 10.52
C ALA B 63 22.58 8.07 11.52
N ASN B 64 23.71 7.53 11.98
CA ASN B 64 24.61 8.32 12.81
C ASN B 64 25.82 8.76 12.08
N VAL B 65 26.48 9.76 12.64
CA VAL B 65 27.64 10.35 12.04
C VAL B 65 28.66 9.27 11.74
N GLY B 66 29.25 9.31 10.54
CA GLY B 66 30.29 8.36 10.16
C GLY B 66 29.77 7.14 9.43
N GLU B 67 28.45 6.96 9.40
CA GLU B 67 27.89 5.84 8.67
C GLU B 67 27.74 6.16 7.20
N THR B 68 27.92 5.16 6.37
CA THR B 68 27.66 5.25 4.94
C THR B 68 26.52 4.25 4.66
N VAL B 69 25.44 4.73 4.04
CA VAL B 69 24.35 3.84 3.67
C VAL B 69 24.52 3.57 2.19
N THR B 70 24.53 2.31 1.80
CA THR B 70 24.70 1.93 0.40
C THR B 70 23.59 0.98 0.03
N VAL B 71 22.97 1.22 -1.10
CA VAL B 71 21.89 0.35 -1.55
C VAL B 71 22.04 0.10 -3.04
N PRO B 72 21.46 -1.01 -3.51
CA PRO B 72 21.39 -1.18 -4.94
C PRO B 72 20.55 -0.10 -5.64
N CYS B 73 20.82 0.13 -6.92
CA CYS B 73 20.05 1.09 -7.67
C CYS B 73 18.56 0.67 -7.65
N PRO B 74 17.65 1.64 -7.74
CA PRO B 74 16.24 1.29 -7.67
C PRO B 74 15.84 0.24 -8.69
N LYS B 75 15.31 -0.85 -8.17
CA LYS B 75 14.92 -2.05 -8.90
C LYS B 75 13.82 -1.78 -9.97
N VAL B 76 12.99 -0.78 -9.73
CA VAL B 76 11.94 -0.42 -10.64
C VAL B 76 12.49 -0.19 -12.05
N PHE B 77 13.70 0.32 -12.17
CA PHE B 77 14.31 0.56 -13.48
C PHE B 77 15.37 -0.46 -13.91
N SER B 78 15.33 -1.67 -13.36
CA SER B 78 16.31 -2.73 -13.66
C SER B 78 16.56 -2.92 -15.14
N ASN B 79 15.49 -2.88 -15.93
CA ASN B 79 15.60 -3.13 -17.36
C ASN B 79 16.28 -2.00 -18.14
N PHE B 80 16.51 -0.86 -17.50
CA PHE B 80 17.16 0.26 -18.19
C PHE B 80 18.62 0.46 -17.79
N TYR B 81 19.13 -0.38 -16.89
CA TYR B 81 20.50 -0.28 -16.41
C TYR B 81 21.47 -1.02 -17.34
N SER B 82 22.57 -0.35 -17.70
CA SER B 82 23.59 -0.94 -18.56
C SER B 82 24.78 -1.51 -17.77
N LYS B 83 24.79 -1.32 -16.44
CA LYS B 83 25.86 -1.91 -15.58
C LYS B 83 25.41 -2.22 -14.15
N ALA B 84 26.14 -3.12 -13.49
CA ALA B 84 25.84 -3.44 -12.10
C ALA B 84 26.25 -2.23 -11.28
N GLY B 85 25.38 -1.78 -10.38
CA GLY B 85 25.74 -0.57 -9.65
C GLY B 85 24.91 -0.23 -8.43
N ASN B 86 25.47 0.63 -7.59
CA ASN B 86 24.89 0.96 -6.33
C ASN B 86 25.05 2.43 -6.03
N ILE B 87 24.24 2.93 -5.10
CA ILE B 87 24.30 4.33 -4.66
C ILE B 87 24.45 4.40 -3.17
N SER B 88 25.01 5.51 -2.74
CA SER B 88 25.40 5.70 -1.36
C SER B 88 25.20 7.11 -0.91
N LYS B 89 25.10 7.25 0.40
CA LYS B 89 25.02 8.53 1.05
C LYS B 89 25.73 8.40 2.39
N ASN B 90 26.50 9.43 2.76
CA ASN B 90 27.22 9.46 4.03
C ASN B 90 26.54 10.41 5.01
N CYS B 91 26.46 9.99 6.26
CA CYS B 91 25.94 10.83 7.31
C CYS B 91 27.13 11.51 7.97
N THR B 92 27.15 12.85 7.98
CA THR B 92 28.24 13.59 8.60
C THR B 92 27.76 14.39 9.81
N SER B 93 28.71 15.04 10.49
CA SER B 93 28.39 15.93 11.62
C SER B 93 27.62 17.14 11.19
N ASP B 94 27.57 17.44 9.90
CA ASP B 94 26.74 18.55 9.39
C ASP B 94 25.61 18.06 8.50
N GLY B 95 25.12 16.86 8.75
CA GLY B 95 24.02 16.33 7.96
C GLY B 95 24.47 15.35 6.87
N TRP B 96 23.55 14.97 6.00
CA TRP B 96 23.83 14.03 4.97
C TRP B 96 24.65 14.68 3.87
N SER B 97 25.54 13.90 3.30
CA SER B 97 26.20 14.27 2.07
C SER B 97 25.20 14.18 0.95
N GLU B 98 25.54 14.82 -0.15
CA GLU B 98 24.91 14.62 -1.42
C GLU B 98 25.09 13.18 -1.81
N THR B 99 24.10 12.65 -2.51
CA THR B 99 24.17 11.32 -3.08
C THR B 99 25.01 11.46 -4.31
N PHE B 100 26.17 10.82 -4.28
CA PHE B 100 27.17 10.93 -5.35
C PHE B 100 28.02 9.65 -5.33
N PRO B 101 28.11 8.93 -6.46
CA PRO B 101 27.40 9.21 -7.73
C PRO B 101 25.87 9.07 -7.59
N ASP B 102 25.12 9.74 -8.44
CA ASP B 102 23.70 9.73 -8.28
C ASP B 102 23.23 8.60 -9.16
N PHE B 103 21.92 8.46 -9.19
CA PHE B 103 21.25 7.39 -9.82
C PHE B 103 21.72 7.01 -11.23
N VAL B 104 21.82 7.98 -12.12
CA VAL B 104 21.91 7.66 -13.52
C VAL B 104 23.32 7.24 -13.82
N ASP B 105 24.25 7.93 -13.19
CA ASP B 105 25.69 7.61 -13.25
C ASP B 105 26.02 6.28 -12.59
N ALA B 106 25.58 6.09 -11.37
CA ALA B 106 25.89 4.86 -10.66
C ALA B 106 25.29 3.66 -11.37
N CYS B 107 24.10 3.86 -11.93
CA CYS B 107 23.23 2.73 -12.31
C CYS B 107 23.32 2.40 -13.78
N GLY B 108 23.97 3.28 -14.55
CA GLY B 108 23.97 3.22 -15.99
C GLY B 108 22.57 3.30 -16.60
N TYR B 109 21.71 4.14 -16.05
CA TYR B 109 20.36 4.25 -16.61
C TYR B 109 20.41 4.81 -18.00
N SER B 110 19.63 4.20 -18.89
CA SER B 110 19.53 4.62 -20.28
C SER B 110 18.14 4.36 -20.80
N ASP B 111 17.59 5.29 -21.57
CA ASP B 111 16.33 5.02 -22.29
C ASP B 111 16.25 5.70 -23.66
N PRO B 112 16.66 5.00 -24.74
CA PRO B 112 16.51 5.52 -26.12
C PRO B 112 15.25 5.01 -26.82
N GLY C 10 -24.52 8.02 13.39
CA GLY C 10 -23.70 9.01 14.15
C GLY C 10 -22.22 8.87 13.86
N VAL C 11 -21.61 7.82 14.43
CA VAL C 11 -20.26 7.41 14.03
C VAL C 11 -20.38 6.62 12.73
N ASP C 12 -21.29 5.65 12.74
CA ASP C 12 -21.60 4.84 11.58
C ASP C 12 -21.96 5.73 10.41
N LEU C 13 -22.69 6.81 10.70
CA LEU C 13 -23.09 7.79 9.68
C LEU C 13 -22.20 9.08 9.59
N GLY C 14 -21.29 9.31 10.56
CA GLY C 14 -20.29 10.41 10.49
C GLY C 14 -19.54 10.45 9.18
N THR C 15 -19.06 11.64 8.78
CA THR C 15 -18.50 11.75 7.42
C THR C 15 -17.08 11.16 7.31
N GLU C 16 -16.36 11.04 8.43
CA GLU C 16 -15.04 10.42 8.36
C GLU C 16 -15.19 8.96 7.90
N ASN C 17 -16.08 8.24 8.57
CA ASN C 17 -16.44 6.90 8.14
C ASN C 17 -17.04 6.87 6.74
N LEU C 18 -17.95 7.80 6.45
CA LEU C 18 -18.58 7.79 5.12
C LEU C 18 -17.56 7.99 4.02
N TYR C 19 -16.57 8.86 4.23
CA TYR C 19 -15.51 9.00 3.17
C TYR C 19 -14.68 7.72 3.02
N PHE C 20 -14.29 7.14 4.15
CA PHE C 20 -13.57 5.90 4.13
C PHE C 20 -14.35 4.84 3.41
N GLN C 21 -15.64 4.71 3.73
CA GLN C 21 -16.40 3.58 3.12
C GLN C 21 -16.43 3.75 1.63
N SER C 22 -16.57 4.97 1.17
CA SER C 22 -16.52 5.21 -0.28
C SER C 22 -15.15 4.99 -0.97
N ARG C 24 -13.11 2.46 -0.03
CA ARG C 24 -12.66 1.11 0.21
C ARG C 24 -12.29 0.38 -1.08
N PHE C 25 -13.04 0.65 -2.13
CA PHE C 25 -12.88 -0.07 -3.38
C PHE C 25 -11.56 0.33 -3.97
N HIS C 26 -11.34 1.63 -4.04
CA HIS C 26 -10.09 2.16 -4.55
C HIS C 26 -8.90 1.67 -3.72
N LEU C 27 -9.02 1.66 -2.41
CA LEU C 27 -7.90 1.21 -1.59
C LEU C 27 -7.61 -0.27 -1.79
N GLU C 28 -8.63 -1.11 -1.89
CA GLU C 28 -8.40 -2.52 -2.02
C GLU C 28 -7.85 -2.86 -3.43
N ILE C 29 -8.42 -2.27 -4.46
CA ILE C 29 -7.90 -2.53 -5.81
C ILE C 29 -6.46 -1.98 -5.97
N GLN C 30 -6.21 -0.79 -5.48
CA GLN C 30 -4.86 -0.23 -5.54
C GLN C 30 -3.89 -1.14 -4.80
N GLU C 31 -4.29 -1.69 -3.67
CA GLU C 31 -3.32 -2.57 -2.98
C GLU C 31 -3.07 -3.81 -3.86
N GLU C 32 -4.07 -4.26 -4.57
CA GLU C 32 -3.94 -5.46 -5.40
C GLU C 32 -3.10 -5.18 -6.66
N GLU C 33 -3.24 -3.99 -7.20
CA GLU C 33 -2.42 -3.55 -8.28
C GLU C 33 -0.96 -3.41 -7.87
N THR C 34 -0.73 -2.90 -6.68
CA THR C 34 0.61 -2.78 -6.13
C THR C 34 1.22 -4.14 -5.95
N LYS C 35 0.48 -5.06 -5.38
CA LYS C 35 1.00 -6.44 -5.22
C LYS C 35 1.34 -7.07 -6.57
N CYS C 36 0.46 -6.84 -7.54
CA CYS C 36 0.71 -7.35 -8.90
C CYS C 36 1.99 -6.73 -9.47
N ALA C 37 2.10 -5.41 -9.41
CA ALA C 37 3.35 -4.79 -9.86
C ALA C 37 4.61 -5.38 -9.19
N GLU C 38 4.54 -5.61 -7.88
CA GLU C 38 5.69 -6.18 -7.16
C GLU C 38 5.97 -7.61 -7.58
N LEU C 39 4.90 -8.38 -7.74
CA LEU C 39 5.08 -9.77 -8.19
C LEU C 39 5.78 -9.81 -9.54
N LEU C 40 5.34 -8.99 -10.48
CA LEU C 40 5.90 -9.02 -11.82
C LEU C 40 7.32 -8.55 -11.83
N ARG C 41 7.66 -7.60 -10.97
CA ARG C 41 9.04 -7.14 -10.85
C ARG C 41 9.94 -8.24 -10.31
N SER C 42 9.49 -8.97 -9.29
CA SER C 42 10.28 -10.10 -8.74
C SER C 42 10.48 -11.26 -9.72
N GLN C 43 9.64 -11.37 -10.74
CA GLN C 43 9.70 -12.48 -11.67
C GLN C 43 10.29 -12.11 -13.02
N THR C 44 10.85 -10.91 -13.11
CA THR C 44 11.30 -10.35 -14.39
C THR C 44 12.57 -11.06 -14.97
N GLU C 45 13.36 -11.69 -14.09
CA GLU C 45 14.52 -12.50 -14.52
C GLU C 45 14.08 -13.70 -15.34
N LYS C 46 13.13 -14.47 -14.83
CA LYS C 46 12.52 -15.58 -15.59
C LYS C 46 11.79 -14.96 -16.78
N HIS C 47 11.61 -15.71 -17.87
CA HIS C 47 10.88 -15.18 -19.05
C HIS C 47 9.75 -16.11 -19.47
N LYS C 48 8.61 -16.02 -18.78
CA LYS C 48 7.53 -17.00 -18.90
C LYS C 48 6.69 -16.87 -20.18
N ALA C 49 6.11 -17.99 -20.58
CA ALA C 49 5.23 -18.10 -21.76
C ALA C 49 4.05 -17.12 -21.72
N CYS C 50 3.30 -17.11 -20.62
CA CYS C 50 2.25 -16.08 -20.42
C CYS C 50 2.75 -15.09 -19.38
N SER C 51 2.98 -13.85 -19.77
CA SER C 51 3.50 -12.88 -18.82
C SER C 51 2.40 -12.33 -17.92
N GLY C 52 2.80 -11.66 -16.85
CA GLY C 52 1.83 -11.15 -15.87
C GLY C 52 0.88 -10.15 -16.48
N VAL C 53 -0.41 -10.31 -16.23
CA VAL C 53 -1.37 -9.35 -16.72
C VAL C 53 -2.40 -9.01 -15.69
N TRP C 54 -3.04 -7.88 -15.93
CA TRP C 54 -4.17 -7.43 -15.14
C TRP C 54 -5.43 -7.44 -16.01
N ASP C 55 -6.46 -8.15 -15.57
CA ASP C 55 -7.69 -8.27 -16.37
C ASP C 55 -8.82 -8.62 -15.39
N ASN C 56 -10.02 -8.11 -15.63
CA ASN C 56 -11.14 -8.35 -14.75
C ASN C 56 -10.74 -8.07 -13.31
N ILE C 57 -10.05 -6.94 -13.11
CA ILE C 57 -9.69 -6.48 -11.78
C ILE C 57 -8.90 -7.46 -10.96
N THR C 58 -8.06 -8.24 -11.64
CA THR C 58 -7.39 -9.35 -11.02
C THR C 58 -5.98 -9.46 -11.58
N CYS C 59 -5.01 -9.78 -10.73
CA CYS C 59 -3.68 -10.04 -11.19
C CYS C 59 -3.62 -11.50 -11.62
N TRP C 60 -3.05 -11.76 -12.80
CA TRP C 60 -2.83 -13.09 -13.32
C TRP C 60 -1.31 -13.29 -13.44
N ARG C 61 -0.75 -14.08 -12.53
CA ARG C 61 0.69 -14.25 -12.37
C ARG C 61 1.32 -14.83 -13.60
N PRO C 62 2.62 -14.55 -13.82
CA PRO C 62 3.27 -15.20 -14.96
C PRO C 62 3.13 -16.71 -14.89
N ALA C 63 2.99 -17.36 -16.04
CA ALA C 63 2.66 -18.79 -16.08
C ALA C 63 3.18 -19.45 -17.34
N ASN C 64 3.15 -20.79 -17.33
CA ASN C 64 3.68 -21.62 -18.44
C ASN C 64 2.57 -22.35 -19.17
N VAL C 65 2.86 -22.77 -20.39
CA VAL C 65 1.87 -23.47 -21.16
C VAL C 65 1.34 -24.60 -20.29
N GLY C 66 0.03 -24.78 -20.31
CA GLY C 66 -0.60 -25.90 -19.63
C GLY C 66 -1.05 -25.60 -18.22
N GLU C 67 -0.64 -24.45 -17.69
CA GLU C 67 -1.09 -24.05 -16.36
C GLU C 67 -2.49 -23.41 -16.45
N THR C 68 -3.26 -23.55 -15.39
CA THR C 68 -4.48 -22.84 -15.19
C THR C 68 -4.32 -22.08 -13.90
N VAL C 69 -4.54 -20.76 -13.93
CA VAL C 69 -4.46 -19.93 -12.74
C VAL C 69 -5.88 -19.65 -12.30
N THR C 70 -6.19 -19.92 -11.03
CA THR C 70 -7.52 -19.77 -10.47
C THR C 70 -7.42 -18.94 -9.21
N VAL C 71 -8.27 -17.93 -9.10
CA VAL C 71 -8.24 -17.08 -7.95
C VAL C 71 -9.65 -16.75 -7.55
N PRO C 72 -9.84 -16.35 -6.30
CA PRO C 72 -11.18 -16.03 -5.87
C PRO C 72 -11.66 -14.79 -6.55
N CYS C 73 -12.98 -14.64 -6.66
CA CYS C 73 -13.53 -13.43 -7.27
C CYS C 73 -13.02 -12.26 -6.47
N PRO C 74 -12.93 -11.08 -7.08
CA PRO C 74 -12.36 -9.98 -6.38
C PRO C 74 -13.17 -9.75 -5.16
N LYS C 75 -12.55 -9.97 -4.01
CA LYS C 75 -13.19 -9.80 -2.70
C LYS C 75 -13.80 -8.40 -2.60
N VAL C 76 -13.19 -7.42 -3.28
CA VAL C 76 -13.69 -6.05 -3.21
C VAL C 76 -15.21 -5.93 -3.51
N PHE C 77 -15.74 -6.77 -4.39
CA PHE C 77 -17.17 -6.70 -4.71
C PHE C 77 -18.00 -7.81 -4.07
N SER C 78 -17.57 -8.24 -2.88
CA SER C 78 -18.23 -9.34 -2.15
C SER C 78 -19.73 -9.14 -1.92
N ASN C 79 -20.12 -7.91 -1.59
CA ASN C 79 -21.51 -7.58 -1.28
C ASN C 79 -22.41 -7.71 -2.49
N PHE C 80 -21.81 -7.71 -3.69
CA PHE C 80 -22.55 -7.84 -4.95
C PHE C 80 -22.55 -9.26 -5.51
N TYR C 81 -21.98 -10.21 -4.77
CA TYR C 81 -22.02 -11.62 -5.15
C TYR C 81 -23.20 -12.38 -4.54
N SER C 82 -23.76 -13.32 -5.30
CA SER C 82 -24.80 -14.21 -4.82
C SER C 82 -24.20 -15.60 -4.52
N LYS C 83 -22.90 -15.74 -4.77
CA LYS C 83 -22.24 -17.04 -4.83
C LYS C 83 -20.81 -16.95 -4.29
N ALA C 84 -20.22 -18.09 -3.95
CA ALA C 84 -18.79 -18.17 -3.65
C ALA C 84 -18.06 -18.53 -4.94
N GLY C 85 -17.42 -17.54 -5.55
CA GLY C 85 -16.88 -17.70 -6.89
C GLY C 85 -15.37 -17.59 -7.01
N ASN C 86 -14.85 -18.37 -7.94
CA ASN C 86 -13.49 -18.29 -8.41
C ASN C 86 -13.50 -18.01 -9.89
N ILE C 87 -12.47 -17.34 -10.37
CA ILE C 87 -12.25 -17.13 -11.81
C ILE C 87 -10.89 -17.69 -12.21
N SER C 88 -10.76 -18.04 -13.47
CA SER C 88 -9.61 -18.77 -13.94
C SER C 88 -9.21 -18.29 -15.31
N LYS C 89 -7.94 -18.46 -15.64
CA LYS C 89 -7.49 -18.38 -17.04
C LYS C 89 -6.52 -19.52 -17.25
N ASN C 90 -6.46 -20.01 -18.49
CA ASN C 90 -5.46 -20.98 -18.88
C ASN C 90 -4.36 -20.25 -19.65
N CYS C 91 -3.11 -20.65 -19.40
CA CYS C 91 -2.00 -20.20 -20.24
C CYS C 91 -1.82 -21.27 -21.29
N THR C 92 -2.02 -20.88 -22.55
CA THR C 92 -1.94 -21.82 -23.64
C THR C 92 -0.85 -21.34 -24.55
N SER C 93 -0.58 -22.12 -25.59
CA SER C 93 0.44 -21.80 -26.56
C SER C 93 0.09 -20.56 -27.35
N ASP C 94 -1.19 -20.17 -27.30
CA ASP C 94 -1.68 -18.93 -27.91
C ASP C 94 -1.66 -17.76 -26.95
N GLY C 95 -1.32 -18.05 -25.70
CA GLY C 95 -1.29 -17.05 -24.66
C GLY C 95 -2.39 -17.27 -23.63
N TRP C 96 -2.74 -16.17 -22.95
CA TRP C 96 -3.73 -16.23 -21.91
C TRP C 96 -5.13 -16.45 -22.52
N SER C 97 -5.93 -17.34 -21.93
CA SER C 97 -7.31 -17.49 -22.34
C SER C 97 -8.14 -16.36 -21.77
N GLU C 98 -9.35 -16.25 -22.27
CA GLU C 98 -10.35 -15.40 -21.64
C GLU C 98 -10.63 -15.94 -20.24
N THR C 99 -11.14 -15.11 -19.38
CA THR C 99 -11.45 -15.54 -18.02
C THR C 99 -12.66 -16.48 -18.03
N PHE C 100 -12.61 -17.54 -17.23
CA PHE C 100 -13.75 -18.43 -17.19
C PHE C 100 -14.06 -18.91 -15.80
N PRO C 101 -15.35 -18.98 -15.46
CA PRO C 101 -16.45 -18.46 -16.27
C PRO C 101 -16.33 -16.98 -16.31
N ASP C 102 -17.10 -16.31 -17.15
CA ASP C 102 -17.01 -14.86 -17.22
C ASP C 102 -17.27 -14.31 -15.85
N PHE C 103 -16.72 -13.12 -15.61
CA PHE C 103 -16.78 -12.44 -14.33
C PHE C 103 -18.21 -12.36 -13.76
N VAL C 104 -19.17 -11.93 -14.54
CA VAL C 104 -20.53 -11.76 -14.06
C VAL C 104 -21.10 -13.09 -13.59
N ASP C 105 -20.89 -14.16 -14.34
CA ASP C 105 -21.44 -15.48 -14.01
C ASP C 105 -20.62 -16.20 -12.91
N ALA C 106 -19.29 -16.07 -12.95
CA ALA C 106 -18.42 -16.81 -12.02
C ALA C 106 -18.68 -16.30 -10.66
N CYS C 107 -18.90 -15.00 -10.58
CA CYS C 107 -18.96 -14.33 -9.31
C CYS C 107 -20.39 -14.15 -8.80
N GLY C 108 -21.40 -14.38 -9.65
CA GLY C 108 -22.79 -14.09 -9.26
C GLY C 108 -23.00 -12.60 -9.00
N TYR C 109 -22.38 -11.76 -9.83
CA TYR C 109 -22.46 -10.30 -9.68
C TYR C 109 -23.74 -9.72 -10.24
N SER C 110 -24.35 -8.81 -9.48
CA SER C 110 -25.24 -7.80 -10.06
C SER C 110 -25.28 -6.61 -9.10
N ASP C 111 -25.79 -5.47 -9.57
CA ASP C 111 -25.99 -4.31 -8.68
C ASP C 111 -27.45 -4.29 -8.16
N PRO C 112 -27.64 -3.96 -6.86
CA PRO C 112 -28.93 -4.16 -6.19
C PRO C 112 -29.84 -2.92 -6.19
#